data_2VFT
#
_entry.id   2VFT
#
_cell.length_a   107.185
_cell.length_b   66.622
_cell.length_c   59.134
_cell.angle_alpha   90.00
_cell.angle_beta   95.09
_cell.angle_gamma   90.00
#
_symmetry.space_group_name_H-M   'C 1 2 1'
#
loop_
_entity.id
_entity.type
_entity.pdbx_description
1 polymer 'XYLITOL OXIDASE'
2 non-polymer 'FLAVIN-ADENINE DINUCLEOTIDE'
3 non-polymer sorbitol
4 non-polymer 'CHLORIDE ION'
5 water water
#
_entity_poly.entity_id   1
_entity_poly.type   'polypeptide(L)'
_entity_poly.pdbx_seq_one_letter_code
;ISEFMSDITVTNWAGNITYTAKELLRPHSLDALRALVADSARVRVLGSGHSFNEIAEPGDGGVLLSLAGLPSVVDVDTAA
RTVRVGGGVRYAELARVVHARGLALPNMASLPHISVAGSVATGTHGSGVGNGSLASVVREVELVTADGSTVVIARGDERF
GGAVTSLGALGVVTSLTLDLEPAYEMEQHVFTELPLAGLDPATFETVMAAAYSVSLFTDWRAPGFRQVWLKRRTDRPLDG
FPYAAPAAEKMHPVPGMPAVNCTEQFGVPGPWHERLPHFRAEFTPSSGAELQSEYLMPREHALAALHAMDAIRETLAPVL
QTCEIRTVAADAQWLSPAYGRDTVAAHFTWVEDTAAVLPVVRRLEEALVPFAARPHWGKVFTVPAGELRALYPRLADFGA
LAGALDPAGKFTNAFVRGVLAG
;
_entity_poly.pdbx_strand_id   A
#
# COMPACT_ATOMS: atom_id res chain seq x y z
N ASP A 7 -6.55 18.52 25.61
CA ASP A 7 -6.37 18.54 24.12
C ASP A 7 -5.01 17.95 23.76
N ILE A 8 -5.02 17.04 22.79
CA ILE A 8 -3.75 16.55 22.24
C ILE A 8 -3.82 16.84 20.75
N THR A 9 -2.65 16.85 20.10
CA THR A 9 -2.58 17.07 18.65
C THR A 9 -2.29 15.70 18.05
N VAL A 10 -3.15 15.25 17.15
CA VAL A 10 -2.97 13.96 16.48
C VAL A 10 -2.61 14.29 15.02
N THR A 11 -1.53 13.65 14.54
CA THR A 11 -1.11 13.84 13.15
C THR A 11 -0.96 12.44 12.48
N ASN A 12 -0.74 12.46 11.17
CA ASN A 12 -0.32 11.25 10.47
C ASN A 12 1.16 10.95 10.76
N TRP A 13 1.71 9.86 10.19
CA TRP A 13 3.09 9.50 10.46
C TRP A 13 4.07 10.58 9.94
N ALA A 14 3.90 11.07 8.69
CA ALA A 14 4.84 12.09 8.11
C ALA A 14 4.65 13.47 8.75
N GLY A 15 3.51 13.67 9.41
CA GLY A 15 3.27 14.94 10.10
C GLY A 15 2.76 16.08 9.23
N ASN A 16 2.57 15.82 7.94
CA ASN A 16 2.00 16.84 7.06
C ASN A 16 0.48 17.02 7.17
N ILE A 17 -0.19 16.05 7.81
CA ILE A 17 -1.62 16.15 8.08
C ILE A 17 -1.84 16.21 9.58
N THR A 18 -2.43 17.32 10.06
CA THR A 18 -2.87 17.43 11.44
C THR A 18 -4.39 17.21 11.50
N TYR A 19 -4.84 16.22 12.28
CA TYR A 19 -6.30 15.93 12.31
C TYR A 19 -7.03 16.96 13.21
N THR A 20 -8.30 17.16 12.94
CA THR A 20 -9.11 18.08 13.78
C THR A 20 -9.39 17.54 15.19
N ALA A 21 -9.24 16.24 15.36
CA ALA A 21 -9.60 15.56 16.61
C ALA A 21 -8.69 16.01 17.74
N LYS A 22 -9.30 16.31 18.88
CA LYS A 22 -8.56 16.72 20.08
C LYS A 22 -8.30 15.56 21.05
N GLU A 23 -8.78 14.37 20.66
CA GLU A 23 -8.50 13.13 21.40
C GLU A 23 -8.55 11.98 20.39
N LEU A 24 -7.74 10.95 20.63
CA LEU A 24 -7.76 9.73 19.85
C LEU A 24 -8.37 8.66 20.75
N LEU A 25 -9.59 8.21 20.43
CA LEU A 25 -10.29 7.27 21.30
C LEU A 25 -9.75 5.85 21.08
N ARG A 26 -9.47 5.16 22.20
CA ARG A 26 -8.81 3.85 22.15
C ARG A 26 -9.56 2.87 23.06
N PRO A 27 -10.73 2.40 22.59
CA PRO A 27 -11.54 1.49 23.48
C PRO A 27 -10.75 0.25 23.86
N HIS A 28 -10.95 -0.26 25.08
CA HIS A 28 -10.19 -1.42 25.55
CA HIS A 28 -10.19 -1.43 25.52
C HIS A 28 -10.95 -2.76 25.48
N SER A 29 -12.16 -2.76 24.92
CA SER A 29 -12.92 -4.00 24.71
C SER A 29 -13.83 -3.82 23.51
N LEU A 30 -14.24 -4.95 22.95
CA LEU A 30 -15.19 -4.95 21.86
C LEU A 30 -16.52 -4.35 22.32
N ASP A 31 -16.97 -4.65 23.56
CA ASP A 31 -18.18 -4.02 24.11
C ASP A 31 -18.08 -2.48 24.04
N ALA A 32 -16.95 -1.95 24.50
CA ALA A 32 -16.74 -0.50 24.46
C ALA A 32 -16.71 0.00 23.01
N LEU A 33 -16.09 -0.78 22.12
CA LEU A 33 -15.97 -0.31 20.72
C LEU A 33 -17.37 -0.23 20.09
N ARG A 34 -18.17 -1.28 20.26
CA ARG A 34 -19.52 -1.29 19.70
C ARG A 34 -20.36 -0.13 20.18
N ALA A 35 -20.33 0.12 21.48
CA ALA A 35 -21.08 1.21 22.08
C ALA A 35 -20.61 2.57 21.54
N LEU A 36 -19.28 2.76 21.44
CA LEU A 36 -18.70 3.99 20.90
C LEU A 36 -19.14 4.22 19.47
N VAL A 37 -19.07 3.18 18.63
CA VAL A 37 -19.51 3.37 17.25
C VAL A 37 -21.00 3.69 17.21
N ALA A 38 -21.82 2.94 17.96
CA ALA A 38 -23.28 3.15 17.90
C ALA A 38 -23.66 4.55 18.40
N ASP A 39 -22.89 5.06 19.36
CA ASP A 39 -23.19 6.37 20.01
C ASP A 39 -22.50 7.59 19.38
N SER A 40 -21.77 7.37 18.27
CA SER A 40 -21.06 8.49 17.61
C SER A 40 -21.71 8.77 16.28
N ALA A 41 -21.82 10.05 15.92
CA ALA A 41 -22.52 10.44 14.70
C ALA A 41 -21.67 10.23 13.44
N ARG A 42 -20.35 10.43 13.57
CA ARG A 42 -19.44 10.25 12.42
C ARG A 42 -18.13 9.69 12.96
N VAL A 43 -17.57 8.70 12.25
CA VAL A 43 -16.39 7.97 12.75
C VAL A 43 -15.41 7.77 11.58
N ARG A 44 -14.11 7.95 11.86
CA ARG A 44 -13.07 7.34 10.98
C ARG A 44 -12.09 6.64 11.89
N VAL A 45 -11.50 5.60 11.35
CA VAL A 45 -10.48 4.87 12.10
C VAL A 45 -9.06 5.36 11.74
N LEU A 46 -8.19 5.49 12.74
CA LEU A 46 -6.76 5.72 12.51
C LEU A 46 -6.03 4.40 12.74
N GLY A 47 -5.28 3.96 11.73
CA GLY A 47 -4.41 2.79 11.80
C GLY A 47 -3.06 3.34 12.27
N SER A 48 -2.06 3.09 11.45
CA SER A 48 -0.70 3.58 11.78
C SER A 48 -0.34 4.93 11.11
N GLY A 49 -1.33 5.60 10.51
CA GLY A 49 -1.09 6.95 9.96
C GLY A 49 -0.14 7.07 8.75
N HIS A 50 0.12 5.95 8.08
CA HIS A 50 0.99 5.98 6.87
C HIS A 50 0.25 6.34 5.55
N SER A 51 -0.79 7.14 5.70
CA SER A 51 -1.35 7.88 4.58
C SER A 51 -0.83 9.32 4.59
N PHE A 52 -0.99 10.01 3.44
CA PHE A 52 -0.40 11.35 3.24
C PHE A 52 -1.41 12.45 2.90
N ASN A 53 -2.69 12.14 3.09
CA ASN A 53 -3.78 13.03 2.68
C ASN A 53 -4.85 13.00 3.81
N GLU A 54 -6.07 13.45 3.53
CA GLU A 54 -7.06 13.58 4.60
C GLU A 54 -8.00 12.33 4.69
N ILE A 55 -7.54 11.17 4.15
CA ILE A 55 -8.39 9.97 4.19
C ILE A 55 -8.87 9.60 5.61
N ALA A 56 -8.03 9.76 6.64
CA ALA A 56 -8.46 9.41 8.02
C ALA A 56 -9.14 10.54 8.78
N GLU A 57 -9.24 11.71 8.18
CA GLU A 57 -9.81 12.90 8.87
C GLU A 57 -11.36 12.74 9.05
N PRO A 58 -11.88 12.78 10.31
CA PRO A 58 -13.35 12.61 10.43
C PRO A 58 -14.16 13.88 10.41
N GLY A 59 -13.48 15.02 10.27
CA GLY A 59 -14.18 16.31 10.19
C GLY A 59 -14.49 16.84 11.59
N ASP A 60 -14.74 18.15 11.71
CA ASP A 60 -14.98 18.69 13.06
C ASP A 60 -16.20 17.97 13.73
N GLY A 61 -16.04 17.64 15.00
CA GLY A 61 -17.04 16.86 15.74
C GLY A 61 -17.05 15.36 15.44
N GLY A 62 -16.31 14.94 14.41
CA GLY A 62 -16.16 13.51 14.13
C GLY A 62 -15.24 12.84 15.12
N VAL A 63 -15.53 11.55 15.33
CA VAL A 63 -14.73 10.69 16.23
C VAL A 63 -13.57 10.04 15.46
N LEU A 64 -12.33 10.25 15.92
CA LEU A 64 -11.18 9.49 15.40
C LEU A 64 -10.85 8.41 16.40
N LEU A 65 -11.01 7.15 15.95
CA LEU A 65 -10.78 6.05 16.89
C LEU A 65 -9.71 5.09 16.38
N SER A 66 -9.04 4.47 17.36
CA SER A 66 -7.96 3.52 17.06
C SER A 66 -8.25 2.17 17.70
N LEU A 67 -7.69 1.10 17.12
CA LEU A 67 -7.74 -0.23 17.75
C LEU A 67 -6.49 -0.56 18.59
N ALA A 68 -5.63 0.43 18.83
CA ALA A 68 -4.37 0.18 19.60
C ALA A 68 -4.61 -0.27 21.04
N GLY A 69 -5.78 0.05 21.58
CA GLY A 69 -6.19 -0.39 22.93
C GLY A 69 -6.80 -1.78 23.05
N LEU A 70 -7.05 -2.46 21.91
CA LEU A 70 -7.54 -3.87 21.88
C LEU A 70 -6.40 -4.90 21.72
N PRO A 71 -6.56 -6.17 22.22
CA PRO A 71 -5.46 -7.14 22.02
C PRO A 71 -5.07 -7.37 20.56
N SER A 72 -3.76 -7.43 20.29
CA SER A 72 -3.33 -7.64 18.89
C SER A 72 -3.20 -9.14 18.59
N VAL A 73 -4.36 -9.73 18.29
CA VAL A 73 -4.54 -11.17 18.05
C VAL A 73 -3.98 -11.65 16.72
N VAL A 74 -3.21 -12.74 16.81
CA VAL A 74 -2.66 -13.38 15.62
C VAL A 74 -2.80 -14.90 15.88
N ASP A 75 -3.77 -15.49 15.20
CA ASP A 75 -4.19 -16.89 15.48
C ASP A 75 -4.13 -17.73 14.22
N VAL A 76 -3.06 -18.52 14.11
CA VAL A 76 -2.77 -19.35 12.93
C VAL A 76 -3.48 -20.72 13.03
N ASP A 77 -4.19 -21.11 11.97
CA ASP A 77 -4.76 -22.47 11.83
C ASP A 77 -3.85 -23.17 10.81
N THR A 78 -2.93 -23.99 11.30
CA THR A 78 -1.95 -24.65 10.40
C THR A 78 -2.58 -25.61 9.37
N ALA A 79 -3.56 -26.42 9.78
CA ALA A 79 -4.27 -27.33 8.86
C ALA A 79 -4.97 -26.62 7.74
N ALA A 80 -5.63 -25.49 8.07
CA ALA A 80 -6.35 -24.68 7.10
C ALA A 80 -5.43 -23.73 6.33
N ARG A 81 -4.20 -23.54 6.83
CA ARG A 81 -3.24 -22.50 6.33
C ARG A 81 -3.92 -21.12 6.27
N THR A 82 -4.46 -20.73 7.42
CA THR A 82 -5.05 -19.39 7.54
C THR A 82 -4.59 -18.73 8.83
N VAL A 83 -4.72 -17.40 8.88
CA VAL A 83 -4.44 -16.66 10.11
C VAL A 83 -5.50 -15.60 10.30
N ARG A 84 -6.07 -15.59 11.52
CA ARG A 84 -7.03 -14.55 11.91
C ARG A 84 -6.26 -13.46 12.66
N VAL A 85 -6.39 -12.19 12.23
CA VAL A 85 -5.56 -11.15 12.80
C VAL A 85 -6.39 -9.91 13.12
N GLY A 86 -6.11 -9.31 14.26
CA GLY A 86 -6.76 -8.02 14.62
C GLY A 86 -6.44 -6.90 13.58
N GLY A 87 -7.41 -6.02 13.34
CA GLY A 87 -7.20 -4.93 12.35
C GLY A 87 -6.05 -3.96 12.65
N GLY A 88 -5.75 -3.78 13.95
CA GLY A 88 -4.64 -2.93 14.39
C GLY A 88 -3.25 -3.57 14.48
N VAL A 89 -3.19 -4.89 14.32
CA VAL A 89 -1.92 -5.62 14.21
C VAL A 89 -1.14 -5.07 12.99
N ARG A 90 0.18 -4.93 13.16
CA ARG A 90 1.03 -4.50 12.01
C ARG A 90 1.69 -5.70 11.35
N TYR A 91 2.12 -5.52 10.10
CA TYR A 91 2.72 -6.65 9.38
C TYR A 91 3.97 -7.22 10.05
N ALA A 92 4.78 -6.40 10.69
CA ALA A 92 6.02 -6.95 11.28
C ALA A 92 5.72 -8.08 12.31
N GLU A 93 4.77 -7.82 13.22
CA GLU A 93 4.33 -8.85 14.20
C GLU A 93 3.64 -10.03 13.51
N LEU A 94 2.67 -9.74 12.63
CA LEU A 94 2.00 -10.78 11.85
C LEU A 94 3.02 -11.75 11.20
N ALA A 95 4.01 -11.18 10.53
CA ALA A 95 4.95 -12.03 9.75
C ALA A 95 5.78 -12.92 10.68
N ARG A 96 6.29 -12.35 11.78
CA ARG A 96 7.11 -13.09 12.81
C ARG A 96 6.31 -14.28 13.29
N VAL A 97 5.03 -14.04 13.59
CA VAL A 97 4.20 -15.09 14.17
C VAL A 97 3.94 -16.20 13.17
N VAL A 98 3.59 -15.84 11.92
CA VAL A 98 3.21 -16.89 10.98
C VAL A 98 4.48 -17.67 10.56
N HIS A 99 5.61 -16.97 10.49
CA HIS A 99 6.88 -17.65 10.15
C HIS A 99 7.25 -18.67 11.23
N ALA A 100 7.02 -18.33 12.49
CA ALA A 100 7.37 -19.28 13.58
C ALA A 100 6.53 -20.55 13.52
N ARG A 101 5.36 -20.49 12.87
CA ARG A 101 4.40 -21.62 12.68
C ARG A 101 4.63 -22.35 11.35
N GLY A 102 5.70 -21.93 10.66
CA GLY A 102 6.07 -22.59 9.38
C GLY A 102 5.35 -22.12 8.10
N LEU A 103 4.72 -20.94 8.18
CA LEU A 103 3.88 -20.42 7.10
C LEU A 103 4.36 -18.99 6.73
N ALA A 104 3.73 -18.45 5.70
CA ALA A 104 4.19 -17.20 5.07
C ALA A 104 3.10 -16.54 4.25
N LEU A 105 3.28 -15.22 4.04
CA LEU A 105 2.47 -14.45 3.11
C LEU A 105 3.18 -14.42 1.73
N PRO A 106 2.40 -14.23 0.65
CA PRO A 106 3.03 -14.11 -0.72
C PRO A 106 3.68 -12.77 -0.98
N ASN A 107 3.29 -11.74 -0.24
CA ASN A 107 4.00 -10.44 -0.41
C ASN A 107 3.94 -9.55 0.82
N MET A 108 4.77 -8.49 0.83
CA MET A 108 4.78 -7.47 1.86
C MET A 108 5.05 -6.11 1.22
N ALA A 109 4.69 -5.02 1.90
CA ALA A 109 5.02 -3.65 1.42
C ALA A 109 6.50 -3.34 1.75
N SER A 110 6.96 -2.10 1.46
CA SER A 110 8.40 -1.82 1.59
C SER A 110 8.81 -1.76 3.08
N LEU A 111 7.87 -1.39 3.95
CA LEU A 111 8.17 -1.13 5.39
C LEU A 111 7.13 -1.88 6.20
N PRO A 112 7.52 -2.78 7.12
CA PRO A 112 6.55 -3.69 7.77
C PRO A 112 5.69 -3.12 8.93
N HIS A 113 6.05 -1.90 9.38
CA HIS A 113 5.45 -1.32 10.60
C HIS A 113 4.20 -0.53 10.25
N ILE A 114 3.28 -1.22 9.54
CA ILE A 114 2.03 -0.58 9.08
C ILE A 114 0.85 -1.54 9.39
N SER A 115 -0.29 -0.98 9.81
CA SER A 115 -1.45 -1.86 10.17
C SER A 115 -1.98 -2.68 8.99
N VAL A 116 -2.38 -3.91 9.26
CA VAL A 116 -2.93 -4.76 8.22
C VAL A 116 -4.26 -4.15 7.70
N ALA A 117 -5.20 -3.77 8.60
CA ALA A 117 -6.46 -3.25 8.08
C ALA A 117 -6.26 -1.93 7.29
N GLY A 118 -5.38 -1.04 7.78
CA GLY A 118 -5.13 0.21 7.08
C GLY A 118 -4.47 -0.03 5.73
N SER A 119 -3.58 -1.04 5.68
CA SER A 119 -2.85 -1.31 4.41
C SER A 119 -3.83 -1.78 3.32
N VAL A 120 -4.68 -2.75 3.64
CA VAL A 120 -5.63 -3.28 2.62
C VAL A 120 -6.72 -2.28 2.26
N ALA A 121 -6.99 -1.34 3.17
CA ALA A 121 -8.07 -0.35 2.91
C ALA A 121 -7.85 0.54 1.69
N THR A 122 -6.58 0.72 1.31
CA THR A 122 -6.19 1.73 0.28
C THR A 122 -5.56 1.14 -0.97
N GLY A 123 -5.31 -0.19 -0.99
CA GLY A 123 -4.75 -0.84 -2.18
C GLY A 123 -3.23 -1.07 -2.10
N THR A 124 -2.73 -1.17 -0.87
CA THR A 124 -1.29 -1.36 -0.65
C THR A 124 -0.81 -2.64 -1.35
N HIS A 125 0.40 -2.60 -1.92
CA HIS A 125 0.93 -3.73 -2.70
C HIS A 125 2.46 -3.72 -2.56
N GLY A 126 3.06 -4.83 -2.94
CA GLY A 126 4.52 -4.89 -3.14
C GLY A 126 4.78 -4.95 -4.65
N SER A 127 5.72 -5.82 -5.07
CA SER A 127 5.95 -6.01 -6.52
C SER A 127 5.93 -7.49 -6.91
N GLY A 128 5.96 -7.69 -8.24
CA GLY A 128 6.06 -9.04 -8.83
C GLY A 128 4.85 -9.25 -9.77
N VAL A 129 5.16 -9.71 -10.99
CA VAL A 129 4.14 -9.82 -12.03
C VAL A 129 3.01 -10.83 -11.69
N GLY A 130 3.31 -11.80 -10.82
CA GLY A 130 2.29 -12.81 -10.46
C GLY A 130 1.76 -12.59 -9.06
N ASN A 131 2.17 -11.47 -8.45
CA ASN A 131 1.78 -11.25 -7.04
C ASN A 131 0.65 -10.21 -6.95
N GLY A 132 -0.46 -10.61 -6.30
CA GLY A 132 -1.57 -9.69 -6.10
C GLY A 132 -1.25 -8.69 -4.99
N SER A 133 -2.16 -7.75 -4.82
CA SER A 133 -2.05 -6.72 -3.74
C SER A 133 -2.09 -7.37 -2.37
N LEU A 134 -1.83 -6.59 -1.32
CA LEU A 134 -1.89 -7.20 0.00
C LEU A 134 -3.34 -7.65 0.31
N ALA A 135 -4.34 -6.93 -0.24
CA ALA A 135 -5.77 -7.28 0.00
C ALA A 135 -6.13 -8.65 -0.60
N SER A 136 -5.36 -9.09 -1.59
CA SER A 136 -5.77 -10.30 -2.35
C SER A 136 -5.72 -11.61 -1.56
N VAL A 137 -5.01 -11.66 -0.42
CA VAL A 137 -4.97 -12.90 0.42
C VAL A 137 -6.07 -12.93 1.50
N VAL A 138 -6.78 -11.82 1.61
CA VAL A 138 -7.86 -11.78 2.62
C VAL A 138 -9.06 -12.65 2.15
N ARG A 139 -9.49 -13.57 3.03
CA ARG A 139 -10.65 -14.45 2.72
C ARG A 139 -11.92 -14.10 3.49
N GLU A 140 -11.79 -13.27 4.53
CA GLU A 140 -12.94 -12.86 5.37
C GLU A 140 -12.63 -11.56 6.12
N VAL A 141 -13.64 -10.69 6.22
CA VAL A 141 -13.51 -9.49 7.09
C VAL A 141 -14.68 -9.46 8.07
N GLU A 142 -14.39 -9.00 9.25
CA GLU A 142 -15.39 -8.84 10.30
CA GLU A 142 -15.37 -8.85 10.33
C GLU A 142 -15.51 -7.35 10.61
N LEU A 143 -16.72 -6.80 10.45
CA LEU A 143 -16.96 -5.35 10.59
C LEU A 143 -17.88 -5.05 11.75
N VAL A 144 -17.53 -4.05 12.55
CA VAL A 144 -18.51 -3.38 13.40
C VAL A 144 -19.14 -2.25 12.59
N THR A 145 -20.46 -2.37 12.37
CA THR A 145 -21.13 -1.44 11.49
C THR A 145 -21.75 -0.28 12.31
N ALA A 146 -22.40 0.62 11.57
CA ALA A 146 -22.86 1.89 12.14
C ALA A 146 -23.72 1.75 13.39
N ASP A 147 -24.56 0.71 13.45
CA ASP A 147 -25.37 0.53 14.67
C ASP A 147 -24.76 -0.32 15.77
N GLY A 148 -23.46 -0.66 15.64
CA GLY A 148 -22.73 -1.44 16.61
C GLY A 148 -22.76 -2.94 16.36
N SER A 149 -23.60 -3.40 15.42
CA SER A 149 -23.71 -4.82 15.15
C SER A 149 -22.55 -5.31 14.26
N THR A 150 -22.23 -6.62 14.36
CA THR A 150 -21.17 -7.19 13.52
C THR A 150 -21.70 -7.87 12.28
N VAL A 151 -21.02 -7.61 11.16
CA VAL A 151 -21.32 -8.22 9.87
C VAL A 151 -20.03 -8.86 9.39
N VAL A 152 -20.12 -10.14 9.02
CA VAL A 152 -18.97 -10.92 8.48
C VAL A 152 -19.19 -11.14 7.01
N ILE A 153 -18.18 -10.81 6.19
CA ILE A 153 -18.28 -10.92 4.75
C ILE A 153 -17.09 -11.74 4.25
N ALA A 154 -17.39 -12.82 3.53
CA ALA A 154 -16.34 -13.78 3.14
C ALA A 154 -16.26 -13.94 1.62
N ARG A 155 -15.13 -14.47 1.16
CA ARG A 155 -14.92 -14.69 -0.23
C ARG A 155 -16.06 -15.60 -0.71
N GLY A 156 -16.61 -15.28 -1.89
CA GLY A 156 -17.82 -15.95 -2.42
C GLY A 156 -19.09 -15.11 -2.31
N ASP A 157 -19.17 -14.28 -1.26
CA ASP A 157 -20.30 -13.33 -1.11
C ASP A 157 -20.29 -12.32 -2.26
N GLU A 158 -21.46 -11.98 -2.80
CA GLU A 158 -21.47 -11.06 -3.97
C GLU A 158 -21.00 -9.63 -3.59
N ARG A 159 -20.97 -9.36 -2.31
CA ARG A 159 -20.49 -8.07 -1.80
C ARG A 159 -18.98 -8.07 -1.54
N PHE A 160 -18.34 -9.25 -1.64
CA PHE A 160 -16.94 -9.35 -1.08
C PHE A 160 -15.95 -8.45 -1.87
N GLY A 161 -16.24 -8.24 -3.16
CA GLY A 161 -15.40 -7.35 -4.03
C GLY A 161 -15.25 -5.92 -3.47
N GLY A 162 -16.21 -5.48 -2.64
CA GLY A 162 -16.09 -4.12 -2.07
C GLY A 162 -15.73 -4.11 -0.59
N ALA A 163 -15.45 -5.29 -0.01
CA ALA A 163 -15.43 -5.42 1.46
C ALA A 163 -14.04 -5.30 2.08
N VAL A 164 -12.98 -5.41 1.25
CA VAL A 164 -11.63 -5.42 1.79
C VAL A 164 -10.94 -4.05 1.59
N THR A 165 -10.81 -3.63 0.33
CA THR A 165 -10.29 -2.31 0.01
C THR A 165 -11.48 -1.35 -0.05
N SER A 166 -11.87 -0.86 1.15
CA SER A 166 -13.11 -0.12 1.25
C SER A 166 -12.91 1.30 1.74
N LEU A 167 -11.66 1.77 1.79
CA LEU A 167 -11.40 3.14 2.32
C LEU A 167 -11.99 3.33 3.72
N GLY A 168 -12.11 2.25 4.51
CA GLY A 168 -12.73 2.35 5.85
C GLY A 168 -14.18 2.83 5.85
N ALA A 169 -14.87 2.74 4.71
CA ALA A 169 -16.21 3.36 4.56
C ALA A 169 -17.39 2.43 4.88
N LEU A 170 -17.12 1.18 5.31
CA LEU A 170 -18.23 0.25 5.64
C LEU A 170 -18.43 0.04 7.16
N GLY A 171 -17.44 0.48 7.94
CA GLY A 171 -17.39 0.17 9.34
C GLY A 171 -15.96 -0.08 9.83
N VAL A 172 -15.85 -0.52 11.08
CA VAL A 172 -14.57 -0.75 11.74
C VAL A 172 -14.20 -2.22 11.53
N VAL A 173 -13.09 -2.49 10.82
CA VAL A 173 -12.65 -3.91 10.63
C VAL A 173 -11.95 -4.33 11.92
N THR A 174 -12.60 -5.24 12.67
CA THR A 174 -12.00 -5.71 13.94
C THR A 174 -11.06 -6.90 13.76
N SER A 175 -11.34 -7.72 12.76
CA SER A 175 -10.45 -8.84 12.42
C SER A 175 -10.54 -9.12 10.94
N LEU A 176 -9.49 -9.73 10.42
CA LEU A 176 -9.46 -10.23 9.05
C LEU A 176 -8.81 -11.62 9.06
N THR A 177 -9.20 -12.48 8.12
CA THR A 177 -8.57 -13.80 7.97
C THR A 177 -7.85 -13.89 6.64
N LEU A 178 -6.59 -14.31 6.70
CA LEU A 178 -5.73 -14.31 5.50
C LEU A 178 -5.32 -15.75 5.20
N ASP A 179 -5.16 -16.02 3.89
CA ASP A 179 -4.61 -17.30 3.37
C ASP A 179 -3.07 -17.26 3.38
N LEU A 180 -2.43 -18.38 3.72
CA LEU A 180 -0.99 -18.49 3.92
C LEU A 180 -0.44 -19.64 3.04
N GLU A 181 0.87 -19.63 2.83
CA GLU A 181 1.55 -20.74 2.09
C GLU A 181 2.71 -21.18 2.94
N PRO A 182 3.30 -22.34 2.62
CA PRO A 182 4.46 -22.73 3.41
C PRO A 182 5.62 -21.70 3.43
N ALA A 183 6.31 -21.55 4.56
CA ALA A 183 7.45 -20.63 4.68
C ALA A 183 8.50 -20.89 3.59
N TYR A 184 9.07 -19.83 3.05
CA TYR A 184 10.05 -19.94 1.94
C TYR A 184 11.22 -18.98 2.13
N GLU A 185 12.35 -19.28 1.50
CA GLU A 185 13.58 -18.51 1.65
C GLU A 185 13.77 -17.65 0.35
N MET A 186 14.46 -16.54 0.52
CA MET A 186 14.76 -15.57 -0.59
C MET A 186 16.16 -14.99 -0.53
N GLU A 187 16.63 -14.52 -1.69
CA GLU A 187 17.89 -13.80 -1.84
C GLU A 187 17.60 -12.48 -2.52
N GLN A 188 18.28 -11.43 -2.11
CA GLN A 188 18.10 -10.11 -2.77
C GLN A 188 19.40 -9.70 -3.42
N HIS A 189 19.34 -9.46 -4.74
CA HIS A 189 20.47 -9.06 -5.59
C HIS A 189 20.19 -7.65 -6.15
N VAL A 190 21.09 -6.68 -5.88
CA VAL A 190 20.93 -5.30 -6.39
C VAL A 190 21.93 -5.01 -7.51
N PHE A 191 21.48 -4.19 -8.45
CA PHE A 191 22.26 -3.82 -9.66
C PHE A 191 22.17 -2.33 -9.86
N THR A 192 23.16 -1.74 -10.54
CA THR A 192 23.16 -0.26 -10.74
C THR A 192 23.19 0.09 -12.23
N GLU A 193 22.59 1.24 -12.55
CA GLU A 193 22.60 1.83 -13.92
C GLU A 193 21.99 0.91 -14.95
N LEU A 194 20.66 0.85 -14.95
CA LEU A 194 19.92 0.21 -16.04
C LEU A 194 19.44 1.33 -17.00
N PRO A 195 19.96 1.36 -18.25
CA PRO A 195 19.50 2.46 -19.12
C PRO A 195 18.04 2.36 -19.50
N LEU A 196 17.39 3.53 -19.73
CA LEU A 196 16.09 3.52 -20.38
C LEU A 196 16.27 3.39 -21.91
N ALA A 197 17.37 3.93 -22.44
CA ALA A 197 17.65 3.79 -23.87
C ALA A 197 17.80 2.31 -24.21
N GLY A 198 17.02 1.87 -25.20
CA GLY A 198 17.07 0.48 -25.61
C GLY A 198 16.26 -0.47 -24.73
N LEU A 199 15.62 0.07 -23.69
CA LEU A 199 14.71 -0.76 -22.85
C LEU A 199 13.38 -0.86 -23.59
N ASP A 200 13.36 -1.86 -24.49
CA ASP A 200 12.21 -2.05 -25.37
C ASP A 200 11.15 -2.93 -24.72
N PRO A 201 9.95 -3.03 -25.35
CA PRO A 201 8.92 -3.82 -24.63
C PRO A 201 9.36 -5.22 -24.20
N ALA A 202 10.06 -5.98 -25.05
CA ALA A 202 10.57 -7.30 -24.65
C ALA A 202 11.51 -7.25 -23.45
N THR A 203 12.48 -6.34 -23.49
CA THR A 203 13.50 -6.25 -22.43
C THR A 203 12.86 -5.76 -21.12
N PHE A 204 11.94 -4.82 -21.21
CA PHE A 204 11.21 -4.40 -20.01
C PHE A 204 10.45 -5.54 -19.33
N GLU A 205 9.75 -6.35 -20.13
CA GLU A 205 9.01 -7.48 -19.56
C GLU A 205 10.00 -8.49 -18.91
N THR A 206 11.08 -8.77 -19.61
CA THR A 206 12.12 -9.68 -19.07
C THR A 206 12.68 -9.18 -17.73
N VAL A 207 13.03 -7.91 -17.67
CA VAL A 207 13.56 -7.31 -16.41
C VAL A 207 12.57 -7.42 -15.26
N MET A 208 11.34 -7.02 -15.52
CA MET A 208 10.33 -7.00 -14.40
C MET A 208 9.94 -8.39 -13.94
N ALA A 209 10.14 -9.42 -14.78
CA ALA A 209 9.82 -10.80 -14.45
C ALA A 209 11.05 -11.62 -14.03
N ALA A 210 12.21 -10.97 -13.86
CA ALA A 210 13.48 -11.69 -13.67
C ALA A 210 13.57 -12.35 -12.28
N ALA A 211 12.70 -11.93 -11.37
CA ALA A 211 12.67 -12.54 -10.04
C ALA A 211 11.23 -12.37 -9.51
N TYR A 212 10.95 -13.06 -8.39
CA TYR A 212 9.61 -13.10 -7.77
C TYR A 212 9.05 -11.68 -7.55
N SER A 213 9.92 -10.79 -7.07
CA SER A 213 9.57 -9.37 -6.94
C SER A 213 10.74 -8.51 -7.45
N VAL A 214 10.42 -7.56 -8.35
CA VAL A 214 11.44 -6.65 -8.93
C VAL A 214 11.00 -5.21 -8.81
N SER A 215 11.90 -4.35 -8.30
CA SER A 215 11.70 -2.88 -8.29
C SER A 215 12.82 -2.20 -9.10
N LEU A 216 12.45 -1.15 -9.83
CA LEU A 216 13.44 -0.17 -10.40
C LEU A 216 13.39 1.10 -9.54
N PHE A 217 14.55 1.74 -9.34
CA PHE A 217 14.64 3.06 -8.68
C PHE A 217 15.36 4.06 -9.57
N THR A 218 14.86 5.28 -9.57
CA THR A 218 15.59 6.36 -10.22
C THR A 218 15.41 7.70 -9.52
N ASP A 219 16.38 8.61 -9.76
CA ASP A 219 16.29 9.99 -9.24
C ASP A 219 15.79 11.00 -10.34
N TRP A 220 15.58 10.49 -11.55
CA TRP A 220 15.15 11.28 -12.72
C TRP A 220 16.16 12.42 -13.01
N ARG A 221 17.45 12.14 -12.75
CA ARG A 221 18.52 13.12 -13.03
C ARG A 221 19.23 12.64 -14.28
N ALA A 222 20.33 11.89 -14.16
CA ALA A 222 20.95 11.33 -15.37
C ALA A 222 19.90 10.43 -16.06
N PRO A 223 19.94 10.31 -17.39
CA PRO A 223 19.02 9.37 -18.07
C PRO A 223 19.08 7.94 -17.47
N GLY A 224 17.93 7.26 -17.44
CA GLY A 224 17.87 5.86 -17.04
C GLY A 224 17.58 5.64 -15.56
N PHE A 225 17.86 4.43 -15.11
CA PHE A 225 17.52 4.01 -13.73
C PHE A 225 18.79 3.79 -12.91
N ARG A 226 18.76 4.29 -11.68
CA ARG A 226 19.90 4.17 -10.76
C ARG A 226 20.11 2.76 -10.22
N GLN A 227 19.03 2.06 -9.88
CA GLN A 227 19.12 0.74 -9.21
C GLN A 227 18.04 -0.18 -9.70
N VAL A 228 18.33 -1.48 -9.65
CA VAL A 228 17.36 -2.53 -9.88
C VAL A 228 17.48 -3.52 -8.71
N TRP A 229 16.37 -3.84 -8.04
CA TRP A 229 16.37 -4.80 -6.92
C TRP A 229 15.65 -6.07 -7.35
N LEU A 230 16.36 -7.21 -7.29
CA LEU A 230 15.75 -8.51 -7.61
C LEU A 230 15.57 -9.28 -6.29
N LYS A 231 14.33 -9.59 -5.93
CA LYS A 231 14.07 -10.41 -4.73
C LYS A 231 13.64 -11.78 -5.27
N ARG A 232 14.57 -12.72 -5.17
CA ARG A 232 14.37 -14.06 -5.74
C ARG A 232 14.00 -15.14 -4.70
N ARG A 233 13.05 -16.02 -5.03
CA ARG A 233 12.81 -17.20 -4.18
C ARG A 233 13.90 -18.23 -4.46
N THR A 234 14.51 -18.80 -3.41
CA THR A 234 15.54 -19.84 -3.63
C THR A 234 14.96 -21.13 -4.23
N ASP A 235 13.65 -21.33 -4.12
CA ASP A 235 12.97 -22.48 -4.74
C ASP A 235 12.57 -22.25 -6.21
N ARG A 236 13.11 -21.18 -6.80
CA ARG A 236 12.91 -20.88 -8.25
C ARG A 236 14.25 -20.57 -8.92
N PRO A 237 14.31 -20.76 -10.25
CA PRO A 237 15.55 -20.46 -11.02
C PRO A 237 15.90 -18.97 -11.00
N LEU A 238 17.19 -18.65 -11.03
CA LEU A 238 17.63 -17.27 -11.31
C LEU A 238 18.58 -17.29 -12.51
N ASP A 239 18.16 -16.69 -13.61
CA ASP A 239 19.05 -16.54 -14.77
C ASP A 239 20.04 -15.40 -14.53
N GLY A 240 21.14 -15.41 -15.30
CA GLY A 240 22.03 -14.24 -15.30
C GLY A 240 21.20 -12.98 -15.59
N PHE A 241 21.61 -11.87 -15.00
CA PHE A 241 20.97 -10.59 -15.26
C PHE A 241 21.95 -9.64 -15.92
N PRO A 242 22.03 -9.67 -17.28
CA PRO A 242 23.07 -8.90 -17.98
C PRO A 242 22.84 -7.39 -18.13
N TYR A 243 21.66 -6.93 -17.72
CA TYR A 243 21.21 -5.61 -18.14
C TYR A 243 21.77 -4.43 -17.34
N ALA A 244 22.36 -4.70 -16.17
CA ALA A 244 22.93 -3.67 -15.32
C ALA A 244 24.04 -4.28 -14.46
N ALA A 245 24.90 -3.45 -13.90
CA ALA A 245 26.11 -3.95 -13.22
C ALA A 245 25.75 -4.43 -11.80
N PRO A 246 26.35 -5.52 -11.33
CA PRO A 246 26.05 -5.91 -9.94
C PRO A 246 26.54 -4.83 -8.94
N ALA A 247 25.73 -4.55 -7.91
CA ALA A 247 26.08 -3.58 -6.91
C ALA A 247 27.39 -4.00 -6.19
N ALA A 248 28.28 -3.03 -5.96
CA ALA A 248 29.52 -3.27 -5.20
C ALA A 248 29.33 -3.00 -3.70
N GLU A 249 28.32 -2.18 -3.37
CA GLU A 249 28.05 -1.78 -2.00
C GLU A 249 26.58 -2.09 -1.65
N LYS A 250 26.28 -2.17 -0.35
CA LYS A 250 24.86 -2.23 0.08
C LYS A 250 24.23 -0.89 -0.24
N MET A 251 22.99 -0.96 -0.78
CA MET A 251 22.29 0.20 -1.32
C MET A 251 21.05 0.57 -0.52
N HIS A 252 20.71 1.86 -0.57
CA HIS A 252 19.42 2.40 -0.07
C HIS A 252 18.67 2.89 -1.29
N PRO A 253 17.35 2.64 -1.35
CA PRO A 253 16.59 3.16 -2.51
C PRO A 253 16.72 4.69 -2.73
N VAL A 254 16.87 5.47 -1.64
CA VAL A 254 17.17 6.90 -1.73
C VAL A 254 18.68 7.19 -1.64
N PRO A 255 19.28 7.72 -2.72
CA PRO A 255 20.73 8.03 -2.69
C PRO A 255 21.08 8.96 -1.53
N GLY A 256 22.05 8.56 -0.72
CA GLY A 256 22.49 9.41 0.39
C GLY A 256 21.86 9.06 1.73
N MET A 257 20.90 8.13 1.76
CA MET A 257 20.32 7.69 3.03
C MET A 257 21.03 6.41 3.53
N PRO A 258 20.87 6.08 4.85
CA PRO A 258 21.71 4.99 5.44
C PRO A 258 21.32 3.56 4.99
N ALA A 259 22.21 2.88 4.25
CA ALA A 259 21.93 1.54 3.77
C ALA A 259 21.82 0.54 4.93
N VAL A 260 22.35 0.89 6.11
CA VAL A 260 22.21 0.00 7.28
C VAL A 260 20.72 -0.32 7.59
N ASN A 261 19.85 0.64 7.31
CA ASN A 261 18.39 0.56 7.52
C ASN A 261 17.75 -0.58 6.67
N CYS A 262 18.44 -1.03 5.60
CA CYS A 262 17.78 -1.87 4.57
C CYS A 262 17.94 -3.38 4.82
N THR A 263 17.06 -4.17 4.22
CA THR A 263 17.17 -5.64 4.25
C THR A 263 18.44 -6.13 3.51
N GLU A 264 18.92 -7.30 3.93
CA GLU A 264 20.24 -7.81 3.48
C GLU A 264 20.29 -8.07 1.97
N GLN A 265 21.42 -7.73 1.37
CA GLN A 265 21.58 -7.84 -0.09
C GLN A 265 22.73 -8.83 -0.40
N PHE A 266 23.35 -8.68 -1.57
CA PHE A 266 24.43 -9.58 -2.02
C PHE A 266 24.03 -11.06 -2.14
N GLY A 267 22.73 -11.33 -2.31
CA GLY A 267 22.26 -12.67 -2.62
C GLY A 267 22.29 -13.63 -1.42
N VAL A 268 22.43 -13.08 -0.21
CA VAL A 268 22.50 -13.90 1.02
C VAL A 268 21.11 -14.42 1.36
N PRO A 269 20.92 -15.77 1.35
CA PRO A 269 19.58 -16.29 1.66
C PRO A 269 19.07 -15.94 3.06
N GLY A 270 17.75 -15.70 3.16
CA GLY A 270 17.08 -15.47 4.44
C GLY A 270 15.59 -15.71 4.28
N PRO A 271 14.84 -15.70 5.39
CA PRO A 271 13.40 -15.96 5.26
C PRO A 271 12.66 -14.84 4.52
N TRP A 272 11.59 -15.25 3.85
CA TRP A 272 10.68 -14.34 3.11
C TRP A 272 10.46 -12.99 3.82
N HIS A 273 10.15 -13.00 5.12
CA HIS A 273 9.74 -11.71 5.75
C HIS A 273 10.91 -10.76 6.08
N GLU A 274 12.15 -11.25 5.87
CA GLU A 274 13.36 -10.45 6.01
C GLU A 274 13.99 -10.12 4.62
N ARG A 275 13.21 -10.35 3.57
CA ARG A 275 13.68 -10.06 2.20
C ARG A 275 12.64 -9.30 1.36
N LEU A 276 11.34 -9.58 1.58
CA LEU A 276 10.27 -8.85 0.84
C LEU A 276 10.28 -7.31 1.14
N PRO A 277 10.32 -6.91 2.43
CA PRO A 277 10.43 -5.44 2.69
C PRO A 277 11.80 -4.93 2.21
N HIS A 278 11.88 -3.61 1.95
CA HIS A 278 13.18 -2.96 1.70
C HIS A 278 13.92 -2.55 2.96
N PHE A 279 13.17 -2.51 4.07
CA PHE A 279 13.67 -1.99 5.34
C PHE A 279 13.59 -3.08 6.40
N ARG A 280 14.67 -3.20 7.15
CA ARG A 280 14.75 -4.30 8.11
C ARG A 280 13.88 -3.98 9.33
N ALA A 281 13.55 -5.05 10.06
CA ALA A 281 12.56 -4.87 11.14
C ALA A 281 13.02 -3.93 12.25
N GLU A 282 14.35 -3.87 12.48
CA GLU A 282 14.94 -2.99 13.46
C GLU A 282 14.75 -1.51 13.15
N PHE A 283 14.49 -1.19 11.88
CA PHE A 283 14.36 0.22 11.49
C PHE A 283 12.94 0.65 11.84
N THR A 284 12.80 1.49 12.87
CA THR A 284 11.47 1.87 13.44
C THR A 284 11.28 3.40 13.54
N PRO A 285 11.22 4.09 12.39
CA PRO A 285 11.00 5.54 12.41
C PRO A 285 9.65 5.89 12.95
N SER A 286 9.59 6.86 13.88
CA SER A 286 8.31 7.36 14.38
C SER A 286 7.60 8.37 13.46
N SER A 287 8.36 8.93 12.51
CA SER A 287 7.88 9.86 11.48
C SER A 287 8.89 9.85 10.37
N GLY A 288 8.53 10.52 9.28
CA GLY A 288 9.46 10.65 8.15
C GLY A 288 9.34 12.01 7.49
N ALA A 289 10.47 12.58 7.05
CA ALA A 289 10.45 13.87 6.37
C ALA A 289 10.31 13.59 4.86
N GLU A 290 9.08 13.21 4.48
CA GLU A 290 8.80 12.87 3.07
C GLU A 290 7.31 13.03 2.78
N LEU A 291 7.00 13.18 1.49
CA LEU A 291 5.61 12.99 1.01
C LEU A 291 5.70 11.84 0.01
N GLN A 292 4.54 11.27 -0.36
CA GLN A 292 4.53 10.16 -1.33
C GLN A 292 3.36 10.36 -2.29
N SER A 293 3.56 9.93 -3.53
CA SER A 293 2.46 9.78 -4.54
C SER A 293 2.69 8.46 -5.26
N GLU A 294 1.62 7.82 -5.77
CA GLU A 294 1.89 6.69 -6.68
C GLU A 294 0.73 6.53 -7.66
N TYR A 295 1.09 6.16 -8.90
CA TYR A 295 0.08 6.04 -9.97
C TYR A 295 0.16 4.65 -10.55
N LEU A 296 -1.02 4.02 -10.65
CA LEU A 296 -1.13 2.59 -11.05
C LEU A 296 -1.85 2.53 -12.38
N MET A 297 -1.15 1.96 -13.39
CA MET A 297 -1.63 2.00 -14.78
C MET A 297 -1.68 0.54 -15.36
N PRO A 298 -2.44 0.35 -16.42
CA PRO A 298 -2.36 -0.93 -17.14
C PRO A 298 -0.88 -1.22 -17.53
N ARG A 299 -0.41 -2.45 -17.28
CA ARG A 299 1.01 -2.83 -17.44
C ARG A 299 1.50 -2.57 -18.87
N GLU A 300 0.59 -2.70 -19.84
CA GLU A 300 0.95 -2.44 -21.25
C GLU A 300 1.44 -1.01 -21.53
N HIS A 301 1.05 -0.04 -20.68
CA HIS A 301 1.47 1.37 -20.82
C HIS A 301 2.77 1.71 -20.10
N ALA A 302 3.42 0.72 -19.49
CA ALA A 302 4.66 0.97 -18.68
C ALA A 302 5.68 1.85 -19.43
N LEU A 303 6.09 1.40 -20.63
CA LEU A 303 7.21 2.13 -21.26
C LEU A 303 6.79 3.53 -21.73
N ALA A 304 5.57 3.67 -22.26
CA ALA A 304 5.07 5.00 -22.58
C ALA A 304 5.05 5.95 -21.39
N ALA A 305 4.59 5.44 -20.25
CA ALA A 305 4.56 6.27 -19.07
C ALA A 305 5.96 6.62 -18.64
N LEU A 306 6.88 5.65 -18.66
CA LEU A 306 8.28 5.95 -18.24
C LEU A 306 8.90 7.02 -19.18
N HIS A 307 8.56 6.95 -20.45
CA HIS A 307 9.05 7.97 -21.42
C HIS A 307 8.42 9.36 -21.24
N ALA A 308 7.17 9.38 -20.79
CA ALA A 308 6.55 10.67 -20.42
C ALA A 308 7.25 11.30 -19.25
N MET A 309 7.58 10.48 -18.22
CA MET A 309 8.32 10.99 -17.04
C MET A 309 9.73 11.46 -17.45
N ASP A 310 10.41 10.68 -18.31
CA ASP A 310 11.77 11.05 -18.73
C ASP A 310 11.77 12.44 -19.42
N ALA A 311 10.74 12.69 -20.20
CA ALA A 311 10.68 13.92 -21.01
C ALA A 311 10.37 15.19 -20.16
N ILE A 312 9.97 14.98 -18.91
CA ILE A 312 9.76 16.08 -17.96
C ILE A 312 10.64 15.93 -16.75
N ARG A 313 11.72 15.14 -16.86
CA ARG A 313 12.49 14.75 -15.66
C ARG A 313 13.09 15.98 -14.94
N GLU A 314 13.41 17.05 -15.67
CA GLU A 314 13.93 18.26 -15.00
C GLU A 314 12.93 18.90 -14.07
N THR A 315 11.65 18.64 -14.30
CA THR A 315 10.59 19.15 -13.41
C THR A 315 10.46 18.26 -12.19
N LEU A 316 10.57 16.95 -12.40
CA LEU A 316 10.44 15.99 -11.27
C LEU A 316 11.61 15.99 -10.30
N ALA A 317 12.83 15.99 -10.84
CA ALA A 317 14.03 15.77 -10.01
C ALA A 317 14.21 16.69 -8.78
N PRO A 318 14.02 18.02 -8.91
CA PRO A 318 14.36 18.94 -7.81
C PRO A 318 13.59 18.70 -6.50
N VAL A 319 12.39 18.10 -6.62
CA VAL A 319 11.56 17.82 -5.41
C VAL A 319 11.49 16.32 -5.09
N LEU A 320 12.39 15.52 -5.72
CA LEU A 320 12.31 14.05 -5.56
C LEU A 320 13.41 13.47 -4.72
N GLN A 321 13.05 12.54 -3.82
CA GLN A 321 14.04 11.69 -3.13
C GLN A 321 14.32 10.42 -3.94
N THR A 322 13.26 9.63 -4.26
CA THR A 322 13.45 8.54 -5.23
C THR A 322 12.10 8.19 -5.87
N CYS A 323 12.18 7.58 -7.04
CA CYS A 323 10.98 7.05 -7.75
C CYS A 323 11.15 5.51 -7.86
N GLU A 324 10.10 4.74 -7.57
CA GLU A 324 10.17 3.27 -7.56
C GLU A 324 9.12 2.74 -8.55
N ILE A 325 9.57 1.89 -9.48
CA ILE A 325 8.68 1.24 -10.45
C ILE A 325 8.48 -0.24 -10.09
N ARG A 326 7.20 -0.65 -10.02
CA ARG A 326 6.79 -2.02 -9.57
C ARG A 326 5.68 -2.57 -10.46
N THR A 327 5.39 -3.85 -10.27
CA THR A 327 4.26 -4.52 -10.96
C THR A 327 3.30 -5.11 -9.92
N VAL A 328 2.02 -5.26 -10.31
CA VAL A 328 0.99 -5.83 -9.44
C VAL A 328 0.07 -6.67 -10.34
N ALA A 329 -0.28 -7.88 -9.90
CA ALA A 329 -1.29 -8.68 -10.66
C ALA A 329 -2.69 -8.07 -10.46
N ALA A 330 -3.58 -8.28 -11.43
CA ALA A 330 -4.96 -7.78 -11.37
C ALA A 330 -5.65 -8.12 -10.07
N ASP A 331 -6.38 -7.14 -9.54
CA ASP A 331 -7.06 -7.29 -8.25
C ASP A 331 -8.57 -7.47 -8.47
N ALA A 332 -9.20 -8.30 -7.63
CA ALA A 332 -10.68 -8.45 -7.65
C ALA A 332 -11.41 -7.33 -6.86
N GLN A 333 -10.67 -6.59 -6.01
CA GLN A 333 -11.33 -5.55 -5.19
C GLN A 333 -11.72 -4.35 -6.05
N TRP A 334 -13.01 -3.97 -6.01
CA TRP A 334 -13.55 -2.94 -6.88
C TRP A 334 -12.80 -1.59 -6.84
N LEU A 335 -12.31 -1.20 -5.64
CA LEU A 335 -11.61 0.08 -5.50
C LEU A 335 -10.10 -0.08 -5.48
N SER A 336 -9.58 -1.28 -5.67
CA SER A 336 -8.09 -1.39 -5.77
C SER A 336 -7.61 -0.58 -7.00
N PRO A 337 -6.56 0.24 -6.84
CA PRO A 337 -5.95 0.83 -8.06
C PRO A 337 -5.52 -0.21 -9.12
N ALA A 338 -5.29 -1.47 -8.67
CA ALA A 338 -4.97 -2.60 -9.55
C ALA A 338 -6.22 -3.38 -9.97
N TYR A 339 -7.41 -2.80 -9.78
CA TYR A 339 -8.65 -3.52 -10.16
C TYR A 339 -8.65 -3.98 -11.60
N GLY A 340 -8.85 -5.30 -11.79
CA GLY A 340 -9.24 -5.81 -13.07
C GLY A 340 -8.18 -5.88 -14.14
N ARG A 341 -6.93 -5.46 -13.83
CA ARG A 341 -5.96 -5.42 -14.92
C ARG A 341 -4.56 -5.60 -14.35
N ASP A 342 -3.72 -6.38 -15.00
CA ASP A 342 -2.27 -6.42 -14.58
C ASP A 342 -1.70 -4.99 -14.70
N THR A 343 -0.86 -4.61 -13.74
CA THR A 343 -0.57 -3.21 -13.46
C THR A 343 0.93 -2.91 -13.33
N VAL A 344 1.32 -1.74 -13.82
CA VAL A 344 2.62 -1.11 -13.48
C VAL A 344 2.34 0.06 -12.53
N ALA A 345 3.20 0.19 -11.51
CA ALA A 345 3.00 1.26 -10.50
C ALA A 345 4.23 2.17 -10.57
N ALA A 346 4.01 3.48 -10.52
CA ALA A 346 5.13 4.46 -10.46
C ALA A 346 4.96 5.29 -9.21
N HIS A 347 5.87 5.07 -8.26
CA HIS A 347 5.81 5.68 -6.95
C HIS A 347 6.88 6.77 -6.84
N PHE A 348 6.51 7.87 -6.18
CA PHE A 348 7.43 8.98 -5.92
C PHE A 348 7.48 9.28 -4.42
N THR A 349 8.70 9.22 -3.86
CA THR A 349 8.94 9.73 -2.49
C THR A 349 9.55 11.12 -2.70
N TRP A 350 8.76 12.12 -2.33
CA TRP A 350 9.12 13.53 -2.52
C TRP A 350 9.82 14.10 -1.28
N VAL A 351 10.54 15.21 -1.48
CA VAL A 351 10.89 16.11 -0.30
C VAL A 351 9.64 16.59 0.40
N GLU A 352 9.70 16.85 1.71
CA GLU A 352 8.49 17.29 2.41
C GLU A 352 8.35 18.80 2.25
N ASP A 353 7.87 19.24 1.09
CA ASP A 353 7.68 20.67 0.78
C ASP A 353 6.37 20.73 -0.05
N THR A 354 5.25 20.84 0.65
CA THR A 354 3.94 20.71 -0.01
C THR A 354 3.79 21.74 -1.15
N ALA A 355 4.20 22.99 -0.89
CA ALA A 355 3.98 24.05 -1.87
C ALA A 355 4.82 23.84 -3.13
N ALA A 356 6.00 23.22 -3.00
CA ALA A 356 6.84 22.98 -4.18
C ALA A 356 6.37 21.70 -4.92
N VAL A 357 5.85 20.74 -4.14
CA VAL A 357 5.48 19.41 -4.68
C VAL A 357 4.17 19.42 -5.45
N LEU A 358 3.17 20.16 -4.96
CA LEU A 358 1.86 20.08 -5.63
C LEU A 358 1.91 20.49 -7.10
N PRO A 359 2.60 21.60 -7.45
CA PRO A 359 2.65 21.94 -8.91
C PRO A 359 3.28 20.86 -9.75
N VAL A 360 4.23 20.15 -9.17
CA VAL A 360 4.93 19.05 -9.86
C VAL A 360 3.98 17.83 -10.02
N VAL A 361 3.24 17.51 -8.95
CA VAL A 361 2.20 16.45 -9.03
C VAL A 361 1.18 16.75 -10.14
N ARG A 362 0.73 18.01 -10.21
CA ARG A 362 -0.23 18.38 -11.27
C ARG A 362 0.38 18.14 -12.65
N ARG A 363 1.65 18.53 -12.85
CA ARG A 363 2.32 18.32 -14.18
C ARG A 363 2.46 16.84 -14.50
N LEU A 364 2.85 16.06 -13.48
CA LEU A 364 2.97 14.59 -13.62
C LEU A 364 1.62 13.98 -14.01
N GLU A 365 0.55 14.34 -13.28
CA GLU A 365 -0.79 13.76 -13.58
C GLU A 365 -1.23 14.09 -15.02
N GLU A 366 -0.99 15.33 -15.44
CA GLU A 366 -1.30 15.73 -16.83
C GLU A 366 -0.58 14.85 -17.88
N ALA A 367 0.68 14.51 -17.63
CA ALA A 367 1.48 13.62 -18.52
C ALA A 367 0.92 12.20 -18.52
N LEU A 368 0.29 11.77 -17.42
CA LEU A 368 -0.13 10.36 -17.33
C LEU A 368 -1.59 10.12 -17.72
N VAL A 369 -2.33 11.20 -17.96
CA VAL A 369 -3.77 11.07 -18.30
C VAL A 369 -4.06 10.03 -19.41
N PRO A 370 -3.27 9.98 -20.52
CA PRO A 370 -3.74 8.98 -21.50
C PRO A 370 -3.52 7.50 -21.11
N PHE A 371 -2.87 7.27 -19.97
CA PHE A 371 -2.60 5.89 -19.52
C PHE A 371 -3.57 5.37 -18.43
N ALA A 372 -4.68 6.06 -18.22
CA ALA A 372 -5.72 5.68 -17.27
C ALA A 372 -5.11 5.43 -15.89
N ALA A 373 -4.27 6.39 -15.47
CA ALA A 373 -3.54 6.27 -14.19
C ALA A 373 -4.47 6.48 -13.00
N ARG A 374 -4.52 5.49 -12.10
CA ARG A 374 -5.28 5.61 -10.85
C ARG A 374 -4.32 5.90 -9.68
N PRO A 375 -4.58 6.97 -8.93
CA PRO A 375 -3.68 7.29 -7.79
C PRO A 375 -3.88 6.30 -6.64
N HIS A 376 -2.80 6.02 -5.91
CA HIS A 376 -2.92 5.24 -4.63
C HIS A 376 -3.73 6.06 -3.65
N TRP A 377 -4.81 5.46 -3.12
CA TRP A 377 -5.70 6.19 -2.20
C TRP A 377 -5.05 6.76 -0.95
N GLY A 378 -3.92 6.16 -0.53
CA GLY A 378 -3.24 6.61 0.72
C GLY A 378 -2.22 7.70 0.51
N LYS A 379 -2.04 8.11 -0.77
CA LYS A 379 -0.92 9.00 -1.10
C LYS A 379 -1.40 10.38 -1.65
N VAL A 380 -0.45 11.28 -1.94
CA VAL A 380 -0.79 12.61 -2.44
C VAL A 380 -1.20 12.53 -3.92
N PHE A 381 -2.36 13.11 -4.24
CA PHE A 381 -2.80 13.25 -5.63
C PHE A 381 -3.72 14.43 -5.74
N THR A 382 -3.84 14.95 -6.96
CA THR A 382 -4.76 16.07 -7.25
C THR A 382 -5.83 15.75 -8.30
N VAL A 383 -5.90 14.50 -8.79
CA VAL A 383 -6.88 14.08 -9.80
C VAL A 383 -8.30 14.44 -9.34
N PRO A 384 -9.03 15.21 -10.17
CA PRO A 384 -10.40 15.58 -9.74
C PRO A 384 -11.35 14.37 -9.60
N ALA A 385 -12.32 14.51 -8.72
CA ALA A 385 -13.31 13.44 -8.43
C ALA A 385 -14.02 12.82 -9.65
N GLY A 386 -14.47 13.64 -10.61
CA GLY A 386 -15.18 13.11 -11.77
C GLY A 386 -14.30 12.25 -12.67
N GLU A 387 -13.03 12.64 -12.78
CA GLU A 387 -12.05 11.85 -13.50
C GLU A 387 -11.82 10.54 -12.74
N LEU A 388 -11.75 10.62 -11.41
CA LEU A 388 -11.57 9.42 -10.56
C LEU A 388 -12.65 8.38 -10.77
N ARG A 389 -13.91 8.81 -10.70
CA ARG A 389 -15.03 7.89 -10.87
C ARG A 389 -14.98 7.17 -12.21
N ALA A 390 -14.66 7.91 -13.27
CA ALA A 390 -14.53 7.34 -14.62
C ALA A 390 -13.44 6.27 -14.73
N LEU A 391 -12.48 6.27 -13.78
CA LEU A 391 -11.41 5.29 -13.80
C LEU A 391 -11.74 3.91 -13.17
N TYR A 392 -12.86 3.83 -12.45
CA TYR A 392 -13.25 2.61 -11.74
C TYR A 392 -14.59 2.01 -12.24
N PRO A 393 -14.51 0.95 -13.09
CA PRO A 393 -15.78 0.32 -13.61
C PRO A 393 -16.80 -0.10 -12.53
N ARG A 394 -16.34 -0.51 -11.34
CA ARG A 394 -17.24 -1.05 -10.33
C ARG A 394 -17.44 -0.06 -9.17
N LEU A 395 -17.12 1.22 -9.40
CA LEU A 395 -17.32 2.21 -8.33
C LEU A 395 -18.79 2.28 -7.93
N ALA A 396 -19.71 2.24 -8.89
CA ALA A 396 -21.14 2.21 -8.51
C ALA A 396 -21.55 1.05 -7.59
N ASP A 397 -21.03 -0.16 -7.84
CA ASP A 397 -21.26 -1.31 -6.97
C ASP A 397 -20.81 -0.97 -5.52
N PHE A 398 -19.65 -0.31 -5.40
CA PHE A 398 -19.17 0.08 -4.09
C PHE A 398 -20.10 1.05 -3.38
N GLY A 399 -20.53 2.09 -4.10
CA GLY A 399 -21.43 3.12 -3.54
C GLY A 399 -22.72 2.49 -3.02
N ALA A 400 -23.24 1.51 -3.78
CA ALA A 400 -24.40 0.75 -3.35
C ALA A 400 -24.16 -0.07 -2.08
N LEU A 401 -23.01 -0.74 -1.96
CA LEU A 401 -22.72 -1.52 -0.79
C LEU A 401 -22.58 -0.59 0.43
N ALA A 402 -21.89 0.53 0.26
CA ALA A 402 -21.76 1.48 1.39
C ALA A 402 -23.14 2.01 1.84
N GLY A 403 -24.00 2.31 0.87
CA GLY A 403 -25.39 2.76 1.18
C GLY A 403 -26.17 1.71 1.93
N ALA A 404 -25.94 0.45 1.62
CA ALA A 404 -26.64 -0.64 2.30
C ALA A 404 -26.17 -0.87 3.72
N LEU A 405 -24.84 -0.92 3.92
CA LEU A 405 -24.28 -1.20 5.23
C LEU A 405 -24.22 0.04 6.14
N ASP A 406 -24.20 1.22 5.53
CA ASP A 406 -24.06 2.48 6.28
C ASP A 406 -24.97 3.55 5.67
N PRO A 407 -26.30 3.35 5.82
CA PRO A 407 -27.22 4.27 5.13
C PRO A 407 -27.12 5.76 5.51
N ALA A 408 -26.70 6.06 6.75
CA ALA A 408 -26.52 7.49 7.16
C ALA A 408 -25.12 8.08 6.82
N GLY A 409 -24.22 7.23 6.29
CA GLY A 409 -22.88 7.70 5.95
C GLY A 409 -22.04 8.02 7.19
N LYS A 410 -22.24 7.24 8.27
CA LYS A 410 -21.44 7.42 9.48
C LYS A 410 -19.91 7.38 9.20
N PHE A 411 -19.51 6.46 8.31
CA PHE A 411 -18.08 6.23 7.98
C PHE A 411 -17.64 6.95 6.72
N THR A 412 -18.51 7.83 6.19
CA THR A 412 -18.13 8.60 4.99
C THR A 412 -17.68 10.01 5.44
N ASN A 413 -16.43 10.36 5.15
CA ASN A 413 -15.89 11.70 5.47
C ASN A 413 -15.77 12.51 4.15
N ALA A 414 -15.18 13.71 4.21
CA ALA A 414 -15.12 14.57 3.01
C ALA A 414 -14.33 13.87 1.89
N PHE A 415 -13.29 13.13 2.26
CA PHE A 415 -12.48 12.42 1.25
C PHE A 415 -13.32 11.38 0.53
N VAL A 416 -14.02 10.53 1.29
CA VAL A 416 -14.83 9.46 0.68
C VAL A 416 -16.02 10.05 -0.10
N ARG A 417 -16.61 11.11 0.45
CA ARG A 417 -17.79 11.75 -0.16
C ARG A 417 -17.47 12.29 -1.53
N GLY A 418 -16.28 12.86 -1.63
CA GLY A 418 -15.80 13.46 -2.90
C GLY A 418 -15.67 12.39 -3.95
N VAL A 419 -15.06 11.27 -3.58
CA VAL A 419 -14.94 10.12 -4.48
C VAL A 419 -16.29 9.64 -5.00
N LEU A 420 -17.24 9.42 -4.09
CA LEU A 420 -18.51 8.81 -4.43
C LEU A 420 -19.49 9.79 -5.12
N ALA A 421 -19.28 11.09 -4.96
CA ALA A 421 -20.29 12.09 -5.40
C ALA A 421 -20.48 12.15 -6.91
#